data_1ZX5
#
_entry.id   1ZX5
#
_cell.length_a   160.045
_cell.length_b   160.045
_cell.length_c   160.045
_cell.angle_alpha   90.00
_cell.angle_beta   90.00
_cell.angle_gamma   90.00
#
_symmetry.space_group_name_H-M   'P 43 3 2'
#
loop_
_entity.id
_entity.type
_entity.pdbx_description
1 polymer 'mannosephosphate isomerase, putative'
2 non-polymer beta-L-fructofuranose
3 non-polymer 1,2-ETHANEDIOL
4 non-polymer 'ACETIC ACID'
5 non-polymer GLYCEROL
6 water water
#
_entity_poly.entity_id   1
_entity_poly.type   'polypeptide(L)'
_entity_poly.pdbx_seq_one_letter_code
;G(MSE)ELPSFIFQAQENLVERPWGGEWIALLKGFRQSGIGESWEFSAHTSRPSTVLVKGQQLS(MSE)IELFSKHRDEL
LGRAAEKFSKFPILVRLIDAASPTQVHVHPSDKAAESLGEAEGGVESAWLVFNKGKAYAGFKEDVKIEELEEKLKEEDFD
FKTLLNTFETTPYDTFVIRPGIPHAGEGLRVLEVSSNSTLAYFFNENDWEKVKKVLNTKKVEEFEVKGKKG(MSE)AETE
NFGLEVVDVTGTAEIKTGGV(MSE)NILYAAEGYFILRGKETADLHRGYSCLVPASTDSFTVESERGKIVRIYLKV
;
_entity_poly.pdbx_strand_id   A
#
# COMPACT_ATOMS: atom_id res chain seq x y z
N GLY A 1 -23.07 -4.68 16.53
CA GLY A 1 -23.19 -3.59 15.50
C GLY A 1 -23.18 -4.16 14.07
N GLU A 3 -24.76 -1.97 11.15
CA GLU A 3 -25.38 -0.85 10.42
C GLU A 3 -24.84 -0.70 8.99
N LEU A 4 -23.65 -1.22 8.74
CA LEU A 4 -22.97 -0.98 7.47
C LEU A 4 -23.25 -2.06 6.43
N PRO A 5 -23.29 -1.68 5.14
CA PRO A 5 -23.44 -2.68 4.09
C PRO A 5 -22.16 -3.51 3.96
N SER A 6 -22.23 -4.57 3.17
CA SER A 6 -21.06 -5.43 2.94
C SER A 6 -19.95 -4.74 2.15
N PHE A 7 -20.33 -3.87 1.21
CA PHE A 7 -19.40 -3.31 0.26
C PHE A 7 -19.51 -1.79 0.19
N ILE A 8 -18.42 -1.14 0.59
CA ILE A 8 -18.33 0.31 0.61
C ILE A 8 -17.35 0.76 -0.46
N PHE A 9 -17.77 1.72 -1.27
CA PHE A 9 -16.99 2.18 -2.42
C PHE A 9 -16.51 3.61 -2.18
N GLN A 10 -15.43 4.01 -2.84
CA GLN A 10 -15.04 5.43 -2.82
C GLN A 10 -16.00 6.21 -3.68
N ALA A 11 -16.42 7.37 -3.18
CA ALA A 11 -17.29 8.30 -3.92
C ALA A 11 -16.55 9.03 -5.06
N GLN A 12 -15.27 9.33 -4.82
N GLN A 12 -15.27 9.32 -4.83
CA GLN A 12 -14.42 10.04 -5.78
CA GLN A 12 -14.41 9.96 -5.82
C GLN A 12 -13.00 9.48 -5.70
C GLN A 12 -13.01 9.39 -5.73
N GLU A 13 -12.26 9.60 -6.80
CA GLU A 13 -10.86 9.16 -6.86
C GLU A 13 -9.99 10.07 -5.96
N ASN A 14 -8.95 9.48 -5.36
CA ASN A 14 -8.05 10.17 -4.47
C ASN A 14 -6.62 10.02 -5.04
N LEU A 15 -6.31 10.87 -6.01
CA LEU A 15 -5.07 10.75 -6.80
C LEU A 15 -4.03 11.76 -6.39
N VAL A 16 -2.76 11.42 -6.61
CA VAL A 16 -1.62 12.27 -6.29
C VAL A 16 -0.73 12.41 -7.52
N GLU A 17 -0.54 13.66 -7.96
CA GLU A 17 0.37 13.99 -9.06
C GLU A 17 1.81 13.85 -8.61
N ARG A 18 2.62 13.18 -9.43
CA ARG A 18 4.05 13.00 -9.14
C ARG A 18 4.83 13.15 -10.43
N PRO A 19 6.02 13.76 -10.36
CA PRO A 19 6.81 13.93 -11.58
C PRO A 19 7.26 12.57 -12.14
N TRP A 20 7.39 11.57 -11.27
CA TRP A 20 7.76 10.22 -11.69
C TRP A 20 6.57 9.30 -12.08
N GLY A 21 5.34 9.82 -12.04
CA GLY A 21 4.16 9.02 -12.39
C GLY A 21 3.95 8.95 -13.89
N GLY A 22 3.46 7.82 -14.40
CA GLY A 22 3.20 7.68 -15.84
C GLY A 22 1.71 7.77 -16.13
N GLU A 23 1.21 6.86 -16.96
CA GLU A 23 -0.19 6.87 -17.41
C GLU A 23 -1.08 5.80 -16.79
N TRP A 24 -0.48 4.85 -16.07
CA TRP A 24 -1.16 3.61 -15.65
C TRP A 24 -2.35 3.86 -14.73
N ILE A 25 -2.15 4.68 -13.71
CA ILE A 25 -3.21 4.93 -12.73
C ILE A 25 -4.46 5.60 -13.35
N ALA A 26 -4.27 6.71 -14.07
CA ALA A 26 -5.41 7.38 -14.71
C ALA A 26 -6.18 6.39 -15.60
N LEU A 27 -5.44 5.54 -16.30
CA LEU A 27 -6.06 4.54 -17.17
C LEU A 27 -6.87 3.51 -16.38
N LEU A 28 -6.36 3.04 -15.25
CA LEU A 28 -7.14 2.22 -14.32
C LEU A 28 -8.45 2.90 -13.97
N LYS A 29 -8.40 4.22 -13.74
CA LYS A 29 -9.57 4.99 -13.30
C LYS A 29 -10.36 5.58 -14.48
N GLY A 30 -10.09 5.10 -15.69
CA GLY A 30 -10.93 5.42 -16.86
C GLY A 30 -10.63 6.70 -17.61
N PHE A 31 -9.45 7.28 -17.45
CA PHE A 31 -9.10 8.47 -18.24
C PHE A 31 -7.64 8.51 -18.68
N ARG A 32 -7.29 9.44 -19.56
CA ARG A 32 -5.92 9.57 -20.05
C ARG A 32 -5.26 10.76 -19.39
N GLN A 33 -4.21 10.50 -18.61
CA GLN A 33 -3.45 11.55 -17.95
C GLN A 33 -2.10 11.00 -17.51
N SER A 34 -1.03 11.65 -17.94
CA SER A 34 0.30 11.34 -17.39
C SER A 34 0.55 12.13 -16.09
N GLY A 35 1.55 11.70 -15.32
CA GLY A 35 1.97 12.39 -14.12
C GLY A 35 1.21 12.06 -12.85
N ILE A 36 0.46 10.96 -12.85
CA ILE A 36 -0.21 10.53 -11.63
C ILE A 36 0.64 9.42 -11.02
N GLY A 37 1.22 9.69 -9.85
CA GLY A 37 2.05 8.70 -9.19
C GLY A 37 1.33 7.73 -8.24
N GLU A 38 0.18 8.17 -7.69
CA GLU A 38 -0.47 7.44 -6.60
C GLU A 38 -1.98 7.54 -6.65
N SER A 39 -2.63 6.48 -6.19
CA SER A 39 -4.05 6.51 -5.87
C SER A 39 -4.22 5.96 -4.48
N TRP A 40 -4.81 6.75 -3.59
CA TRP A 40 -5.00 6.38 -2.19
C TRP A 40 -6.39 5.78 -2.03
N GLU A 41 -6.43 4.51 -1.64
CA GLU A 41 -7.67 3.75 -1.61
C GLU A 41 -8.14 3.61 -0.17
N PHE A 42 -9.26 4.26 0.15
CA PHE A 42 -9.84 4.26 1.51
C PHE A 42 -8.88 4.85 2.53
N SER A 43 -8.21 5.93 2.12
CA SER A 43 -7.31 6.65 3.00
C SER A 43 -8.07 7.31 4.15
N ALA A 44 -7.66 6.98 5.37
CA ALA A 44 -8.03 7.78 6.54
C ALA A 44 -6.83 8.60 7.03
N HIS A 45 -5.90 8.91 6.13
CA HIS A 45 -4.78 9.76 6.46
C HIS A 45 -5.22 11.22 6.38
N THR A 46 -5.00 11.97 7.46
CA THR A 46 -5.51 13.35 7.57
C THR A 46 -5.04 14.30 6.45
N SER A 47 -3.88 14.04 5.85
CA SER A 47 -3.38 14.89 4.77
C SER A 47 -4.21 14.71 3.49
N ARG A 48 -4.91 13.58 3.38
CA ARG A 48 -5.48 13.18 2.10
C ARG A 48 -6.56 12.09 2.29
N PRO A 49 -7.65 12.42 3.04
CA PRO A 49 -8.66 11.39 3.30
C PRO A 49 -9.53 11.09 2.07
N SER A 50 -9.87 9.81 1.90
CA SER A 50 -10.78 9.39 0.85
C SER A 50 -12.19 9.70 1.30
N THR A 51 -13.08 9.89 0.33
CA THR A 51 -14.49 10.00 0.66
C THR A 51 -15.23 8.78 0.10
N VAL A 52 -16.18 8.28 0.87
CA VAL A 52 -16.84 7.02 0.55
C VAL A 52 -18.35 7.17 0.38
N LEU A 53 -18.95 6.18 -0.31
CA LEU A 53 -20.39 6.07 -0.43
C LEU A 53 -20.93 4.94 0.43
N VAL A 54 -21.72 5.31 1.43
CA VAL A 54 -22.41 4.33 2.27
C VAL A 54 -23.91 4.33 1.96
N LYS A 55 -24.38 3.27 1.29
CA LYS A 55 -25.77 3.16 0.81
C LYS A 55 -26.19 4.37 -0.05
N GLY A 56 -25.25 4.86 -0.86
CA GLY A 56 -25.53 6.00 -1.72
C GLY A 56 -25.23 7.40 -1.19
N GLN A 57 -24.93 7.51 0.11
N GLN A 57 -24.97 7.52 0.11
CA GLN A 57 -24.58 8.82 0.71
CA GLN A 57 -24.59 8.83 0.70
C GLN A 57 -23.07 8.98 0.94
C GLN A 57 -23.07 8.97 0.85
N GLN A 58 -22.60 10.21 0.77
CA GLN A 58 -21.18 10.54 0.78
C GLN A 58 -20.66 11.02 2.14
N LEU A 59 -19.53 10.44 2.59
CA LEU A 59 -18.81 10.90 3.79
C LEU A 59 -17.32 10.55 3.73
N SER A 60 -16.55 11.15 4.62
CA SER A 60 -15.12 10.96 4.68
C SER A 60 -14.78 9.68 5.43
N ILE A 62 -12.61 9.38 7.52
CA ILE A 62 -12.33 9.82 8.89
C ILE A 62 -13.62 9.85 9.71
N GLU A 63 -14.68 10.43 9.13
N GLU A 63 -14.68 10.40 9.09
CA GLU A 63 -16.00 10.38 9.75
CA GLU A 63 -16.03 10.44 9.65
C GLU A 63 -16.43 8.93 9.91
C GLU A 63 -16.63 9.02 9.80
N LEU A 64 -16.38 8.17 8.81
CA LEU A 64 -16.79 6.75 8.85
C LEU A 64 -16.12 5.99 10.00
N PHE A 65 -14.81 6.17 10.16
CA PHE A 65 -14.06 5.47 11.19
C PHE A 65 -14.41 5.94 12.61
N SER A 66 -14.60 7.24 12.83
CA SER A 66 -14.97 7.69 14.17
C SER A 66 -16.37 7.21 14.58
N LYS A 67 -17.28 7.07 13.62
CA LYS A 67 -18.64 6.60 13.90
C LYS A 67 -18.82 5.08 13.92
N HIS A 68 -17.97 4.35 13.19
CA HIS A 68 -18.22 2.92 12.94
C HIS A 68 -16.99 2.04 13.19
N ARG A 69 -16.08 2.58 13.97
CA ARG A 69 -14.81 1.94 14.26
C ARG A 69 -14.88 0.47 14.70
N ASP A 70 -15.73 0.17 15.70
CA ASP A 70 -15.87 -1.20 16.23
C ASP A 70 -16.42 -2.17 15.18
N GLU A 71 -17.47 -1.75 14.48
CA GLU A 71 -18.04 -2.54 13.39
C GLU A 71 -17.07 -2.74 12.23
N LEU A 72 -16.33 -1.69 11.86
CA LEU A 72 -15.34 -1.81 10.80
C LEU A 72 -14.20 -2.77 11.16
N LEU A 73 -13.67 -2.64 12.37
CA LEU A 73 -12.48 -3.37 12.76
C LEU A 73 -12.77 -4.78 13.26
N GLY A 74 -13.93 -4.97 13.86
CA GLY A 74 -14.33 -6.28 14.37
C GLY A 74 -13.39 -6.76 15.45
N ARG A 75 -12.80 -7.93 15.23
CA ARG A 75 -11.88 -8.54 16.21
C ARG A 75 -10.57 -7.74 16.37
N ALA A 76 -10.30 -6.83 15.43
CA ALA A 76 -9.12 -5.97 15.48
C ALA A 76 -9.37 -4.65 16.21
N ALA A 77 -10.58 -4.45 16.73
CA ALA A 77 -10.96 -3.20 17.39
C ALA A 77 -10.14 -2.90 18.64
N GLU A 78 -9.83 -3.93 19.44
CA GLU A 78 -9.00 -3.71 20.63
C GLU A 78 -7.54 -3.41 20.27
N LYS A 79 -7.04 -4.07 19.24
CA LYS A 79 -5.64 -3.89 18.80
C LYS A 79 -5.34 -2.51 18.23
N PHE A 80 -6.28 -1.95 17.45
CA PHE A 80 -6.03 -0.67 16.78
C PHE A 80 -6.98 0.40 17.26
N SER A 81 -6.45 1.51 17.75
CA SER A 81 -7.28 2.65 18.15
C SER A 81 -7.34 3.74 17.08
N LYS A 82 -6.31 3.82 16.24
CA LYS A 82 -6.33 4.68 15.06
C LYS A 82 -6.48 3.80 13.83
N PHE A 83 -6.92 4.39 12.72
CA PHE A 83 -7.06 3.66 11.48
C PHE A 83 -5.69 3.05 11.12
N PRO A 84 -5.63 1.71 10.98
CA PRO A 84 -4.38 0.95 10.99
C PRO A 84 -3.51 0.96 9.74
N ILE A 85 -4.08 1.27 8.58
CA ILE A 85 -3.36 1.09 7.32
C ILE A 85 -3.59 2.22 6.30
N LEU A 86 -2.70 2.29 5.32
CA LEU A 86 -2.88 3.11 4.15
C LEU A 86 -2.63 2.25 2.92
N VAL A 87 -3.58 2.28 1.98
CA VAL A 87 -3.49 1.48 0.78
C VAL A 87 -3.31 2.41 -0.41
N ARG A 88 -2.26 2.17 -1.19
CA ARG A 88 -1.94 3.01 -2.33
C ARG A 88 -1.55 2.20 -3.55
N LEU A 89 -2.14 2.55 -4.70
CA LEU A 89 -1.56 2.19 -5.99
C LEU A 89 -0.43 3.18 -6.26
N ILE A 90 0.71 2.65 -6.70
CA ILE A 90 1.91 3.47 -6.99
C ILE A 90 2.41 3.15 -8.39
N ASP A 91 2.57 4.19 -9.20
CA ASP A 91 3.13 4.03 -10.53
C ASP A 91 4.52 4.67 -10.56
N ALA A 92 5.53 3.90 -10.16
CA ALA A 92 6.90 4.38 -10.14
C ALA A 92 7.49 4.19 -11.54
N ALA A 93 7.04 5.02 -12.48
CA ALA A 93 7.36 4.80 -13.88
C ALA A 93 8.81 5.24 -14.17
N SER A 94 9.15 6.45 -13.75
CA SER A 94 10.54 6.88 -13.69
C SER A 94 11.11 6.43 -12.36
N PRO A 95 12.44 6.29 -12.28
CA PRO A 95 13.01 5.83 -11.01
C PRO A 95 12.76 6.80 -9.84
N THR A 96 12.31 6.26 -8.72
CA THR A 96 12.21 7.04 -7.48
C THR A 96 13.62 7.11 -6.86
N GLN A 97 13.87 8.14 -6.06
CA GLN A 97 15.10 8.21 -5.27
C GLN A 97 15.02 7.21 -4.12
N VAL A 98 16.18 6.71 -3.69
CA VAL A 98 16.25 5.82 -2.54
C VAL A 98 15.75 6.54 -1.29
N HIS A 99 14.92 5.86 -0.53
CA HIS A 99 14.38 6.39 0.70
C HIS A 99 14.25 5.27 1.73
N VAL A 100 13.89 5.64 2.95
CA VAL A 100 13.86 4.74 4.08
C VAL A 100 12.80 5.24 5.06
N HIS A 101 12.16 4.30 5.75
CA HIS A 101 11.12 4.61 6.73
C HIS A 101 11.64 4.37 8.15
N PRO A 102 11.20 5.21 9.10
CA PRO A 102 11.51 4.96 10.51
C PRO A 102 10.57 3.90 11.14
N SER A 103 11.05 3.23 12.18
CA SER A 103 10.19 2.44 13.05
C SER A 103 9.33 3.36 13.93
N ASP A 104 8.36 2.78 14.64
CA ASP A 104 7.59 3.50 15.65
C ASP A 104 8.50 4.15 16.67
N LYS A 105 9.50 3.40 17.12
CA LYS A 105 10.47 3.85 18.09
C LYS A 105 11.30 5.04 17.56
N ALA A 106 11.79 4.92 16.33
CA ALA A 106 12.59 5.98 15.70
C ALA A 106 11.75 7.23 15.43
N ALA A 107 10.53 7.05 14.95
CA ALA A 107 9.63 8.17 14.66
C ALA A 107 9.33 8.97 15.94
N GLU A 108 9.10 8.23 17.04
CA GLU A 108 8.85 8.80 18.35
C GLU A 108 10.06 9.58 18.88
N SER A 109 11.23 8.98 18.70
CA SER A 109 12.51 9.56 19.10
C SER A 109 12.86 10.83 18.28
N LEU A 110 12.48 10.81 17.00
CA LEU A 110 12.62 11.98 16.10
C LEU A 110 11.56 13.05 16.35
N GLY A 111 10.54 12.72 17.15
CA GLY A 111 9.43 13.62 17.47
C GLY A 111 8.44 13.87 16.34
N GLU A 112 8.28 12.89 15.45
CA GLU A 112 7.32 13.04 14.36
C GLU A 112 5.89 12.98 14.89
N ALA A 113 4.97 13.66 14.21
CA ALA A 113 3.54 13.55 14.55
C ALA A 113 2.99 12.21 14.01
N GLU A 114 3.54 11.71 12.91
CA GLU A 114 3.14 10.37 12.44
C GLU A 114 3.96 9.24 13.10
N GLY A 115 3.42 8.02 13.03
CA GLY A 115 4.11 6.84 13.52
C GLY A 115 5.06 6.26 12.50
N GLY A 116 5.64 5.11 12.84
CA GLY A 116 6.52 4.35 11.95
C GLY A 116 5.79 3.70 10.78
N VAL A 117 6.58 3.17 9.85
CA VAL A 117 6.03 2.60 8.62
C VAL A 117 6.63 1.23 8.36
N GLU A 118 5.77 0.22 8.27
CA GLU A 118 6.10 -1.07 7.64
C GLU A 118 5.17 -1.22 6.45
N SER A 119 5.62 -1.89 5.40
CA SER A 119 4.77 -2.07 4.23
C SER A 119 4.94 -3.39 3.48
N ALA A 120 3.86 -3.80 2.84
CA ALA A 120 3.83 -4.95 1.98
C ALA A 120 3.51 -4.46 0.56
N TRP A 121 4.27 -4.95 -0.40
CA TRP A 121 4.17 -4.53 -1.80
C TRP A 121 3.69 -5.69 -2.62
N LEU A 122 2.75 -5.42 -3.52
CA LEU A 122 2.33 -6.37 -4.55
C LEU A 122 2.53 -5.69 -5.89
N VAL A 123 3.39 -6.28 -6.70
CA VAL A 123 3.84 -5.72 -7.95
C VAL A 123 2.92 -6.24 -9.07
N PHE A 124 2.68 -5.44 -10.10
CA PHE A 124 1.76 -5.83 -11.17
C PHE A 124 2.42 -6.06 -12.52
N ASN A 125 3.71 -5.78 -12.64
CA ASN A 125 4.33 -5.81 -13.95
C ASN A 125 5.78 -6.27 -13.85
N LYS A 126 6.49 -6.20 -14.97
CA LYS A 126 7.90 -6.49 -14.98
C LYS A 126 8.69 -5.18 -14.96
N GLY A 127 9.24 -4.89 -13.79
CA GLY A 127 9.95 -3.63 -13.56
C GLY A 127 11.11 -3.95 -12.64
N LYS A 128 11.61 -2.94 -11.96
CA LYS A 128 12.72 -3.12 -11.02
C LYS A 128 12.38 -2.60 -9.64
N ALA A 129 12.49 -3.49 -8.65
CA ALA A 129 12.37 -3.13 -7.26
C ALA A 129 13.76 -3.17 -6.62
N TYR A 130 14.04 -2.22 -5.76
CA TYR A 130 15.33 -2.13 -5.06
C TYR A 130 15.07 -2.12 -3.58
N ALA A 131 15.72 -3.00 -2.82
CA ALA A 131 15.46 -3.10 -1.39
C ALA A 131 16.61 -3.74 -0.62
N GLY A 132 17.16 -2.98 0.33
CA GLY A 132 18.25 -3.43 1.21
C GLY A 132 19.61 -3.28 0.55
N PHE A 133 20.63 -2.91 1.31
CA PHE A 133 21.98 -2.83 0.77
C PHE A 133 22.46 -4.23 0.40
N LYS A 134 23.13 -4.34 -0.75
CA LYS A 134 23.67 -5.64 -1.15
C LYS A 134 25.00 -5.96 -0.48
N GLU A 135 25.67 -4.94 0.06
CA GLU A 135 26.84 -5.12 0.92
C GLU A 135 26.76 -4.12 2.07
N ASP A 136 27.50 -4.37 3.16
CA ASP A 136 27.69 -3.39 4.22
C ASP A 136 28.20 -2.07 3.66
N VAL A 137 27.67 -0.97 4.16
CA VAL A 137 28.13 0.37 3.75
C VAL A 137 28.43 1.21 4.98
N LYS A 138 29.25 2.24 4.81
CA LYS A 138 29.53 3.19 5.87
C LYS A 138 28.76 4.49 5.60
N ILE A 139 28.07 5.00 6.61
CA ILE A 139 27.35 6.27 6.50
C ILE A 139 28.20 7.37 5.85
N GLU A 140 29.45 7.49 6.28
CA GLU A 140 30.39 8.50 5.80
C GLU A 140 30.65 8.39 4.31
N GLU A 141 30.74 7.16 3.81
CA GLU A 141 30.99 6.93 2.40
C GLU A 141 29.74 7.21 1.54
N LEU A 142 28.55 6.98 2.10
CA LEU A 142 27.29 7.39 1.45
C LEU A 142 27.22 8.91 1.33
N GLU A 143 27.63 9.62 2.38
CA GLU A 143 27.73 11.09 2.38
C GLU A 143 28.69 11.66 1.33
N GLU A 144 29.82 10.98 1.11
CA GLU A 144 30.72 11.34 0.02
C GLU A 144 29.97 11.35 -1.31
N LYS A 145 29.15 10.32 -1.52
CA LYS A 145 28.40 10.15 -2.75
C LYS A 145 27.36 11.25 -2.98
N LEU A 146 26.85 11.84 -1.91
CA LEU A 146 25.91 12.96 -2.00
C LEU A 146 26.52 14.19 -2.66
N LYS A 147 27.85 14.29 -2.61
CA LYS A 147 28.60 15.38 -3.23
C LYS A 147 28.50 15.35 -4.74
N GLU A 148 28.45 14.16 -5.32
CA GLU A 148 28.28 14.01 -6.77
C GLU A 148 26.94 14.57 -7.23
N GLU A 149 26.82 14.84 -8.53
CA GLU A 149 25.63 15.50 -9.05
C GLU A 149 24.37 14.63 -8.91
N ASP A 150 24.46 13.38 -9.34
CA ASP A 150 23.34 12.45 -9.20
C ASP A 150 23.82 11.00 -9.09
N PHE A 151 24.58 10.71 -8.03
CA PHE A 151 25.02 9.35 -7.79
C PHE A 151 23.80 8.42 -7.75
N ASP A 152 23.87 7.30 -8.47
CA ASP A 152 22.77 6.36 -8.49
C ASP A 152 22.88 5.46 -7.27
N PHE A 153 22.20 5.84 -6.18
CA PHE A 153 22.22 5.04 -4.94
C PHE A 153 21.56 3.66 -5.08
N LYS A 154 20.69 3.52 -6.08
CA LYS A 154 20.05 2.23 -6.37
C LYS A 154 21.08 1.14 -6.74
N THR A 155 22.25 1.55 -7.25
CA THR A 155 23.35 0.60 -7.55
C THR A 155 23.90 -0.08 -6.29
N LEU A 156 23.56 0.42 -5.10
CA LEU A 156 24.04 -0.14 -3.84
C LEU A 156 23.05 -1.12 -3.22
N LEU A 157 21.89 -1.28 -3.85
CA LEU A 157 20.79 -2.06 -3.30
C LEU A 157 20.57 -3.38 -4.04
N ASN A 158 19.95 -4.35 -3.38
CA ASN A 158 19.49 -5.56 -4.06
C ASN A 158 18.52 -5.13 -5.15
N THR A 159 18.77 -5.59 -6.37
CA THR A 159 17.95 -5.28 -7.53
C THR A 159 17.10 -6.50 -7.88
N PHE A 160 15.79 -6.28 -8.01
CA PHE A 160 14.89 -7.36 -8.32
C PHE A 160 14.18 -7.06 -9.62
N GLU A 161 14.39 -7.91 -10.61
CA GLU A 161 13.62 -7.85 -11.83
C GLU A 161 12.35 -8.62 -11.58
N THR A 162 11.23 -7.91 -11.53
CA THR A 162 9.98 -8.51 -11.08
C THR A 162 9.20 -9.18 -12.19
N THR A 163 8.26 -10.04 -11.80
CA THR A 163 7.17 -10.51 -12.64
C THR A 163 5.90 -10.16 -11.88
N PRO A 164 4.75 -10.06 -12.58
CA PRO A 164 3.51 -9.72 -11.89
C PRO A 164 3.27 -10.57 -10.64
N TYR A 165 2.81 -9.91 -9.58
CA TYR A 165 2.39 -10.54 -8.33
C TYR A 165 3.52 -11.00 -7.41
N ASP A 166 4.77 -10.68 -7.77
CA ASP A 166 5.86 -10.74 -6.81
C ASP A 166 5.49 -9.82 -5.66
N THR A 167 5.94 -10.18 -4.45
CA THR A 167 5.71 -9.37 -3.28
C THR A 167 7.01 -9.04 -2.56
N PHE A 168 6.97 -7.95 -1.80
CA PHE A 168 8.07 -7.51 -0.97
C PHE A 168 7.50 -7.07 0.37
N VAL A 169 8.32 -7.20 1.41
CA VAL A 169 7.99 -6.62 2.70
C VAL A 169 9.14 -5.68 3.05
N ILE A 170 8.82 -4.40 3.16
CA ILE A 170 9.81 -3.36 3.43
C ILE A 170 9.68 -2.93 4.87
N ARG A 171 10.65 -3.38 5.68
CA ARG A 171 10.69 -3.10 7.11
C ARG A 171 11.41 -1.78 7.42
N PRO A 172 11.11 -1.17 8.58
CA PRO A 172 11.76 0.08 8.97
C PRO A 172 13.28 -0.02 8.89
N GLY A 173 13.92 1.01 8.37
CA GLY A 173 15.37 1.02 8.23
C GLY A 173 15.90 0.50 6.90
N ILE A 174 15.07 -0.23 6.17
CA ILE A 174 15.46 -0.80 4.86
C ILE A 174 15.34 0.25 3.73
N PRO A 175 16.47 0.57 3.07
CA PRO A 175 16.47 1.49 1.94
C PRO A 175 15.81 0.83 0.72
N HIS A 176 15.05 1.61 -0.05
CA HIS A 176 14.31 1.05 -1.16
C HIS A 176 13.95 2.10 -2.21
N ALA A 177 13.58 1.62 -3.39
CA ALA A 177 13.21 2.42 -4.55
C ALA A 177 12.59 1.48 -5.58
N GLY A 178 12.08 2.07 -6.66
CA GLY A 178 11.50 1.30 -7.76
C GLY A 178 11.71 2.04 -9.07
N GLU A 179 11.58 1.32 -10.18
CA GLU A 179 11.75 1.89 -11.51
C GLU A 179 10.92 1.10 -12.50
N GLY A 180 10.08 1.79 -13.25
CA GLY A 180 9.22 1.16 -14.24
C GLY A 180 8.29 0.14 -13.58
N LEU A 181 7.88 0.45 -12.36
CA LEU A 181 7.24 -0.51 -11.47
C LEU A 181 5.85 -0.05 -11.06
N ARG A 182 4.86 -0.93 -11.30
CA ARG A 182 3.47 -0.70 -10.90
C ARG A 182 3.18 -1.59 -9.71
N VAL A 183 2.68 -0.99 -8.64
CA VAL A 183 2.66 -1.70 -7.35
C VAL A 183 1.48 -1.24 -6.48
N LEU A 184 0.93 -2.20 -5.75
CA LEU A 184 0.00 -1.94 -4.66
C LEU A 184 0.81 -1.95 -3.38
N GLU A 185 0.79 -0.86 -2.62
N GLU A 185 0.83 -0.83 -2.66
CA GLU A 185 1.55 -0.77 -1.37
CA GLU A 185 1.47 -0.76 -1.36
C GLU A 185 0.63 -0.61 -0.15
C GLU A 185 0.39 -0.77 -0.30
N VAL A 186 0.57 -1.64 0.69
CA VAL A 186 -0.21 -1.59 1.91
C VAL A 186 0.78 -1.29 3.03
N SER A 187 0.58 -0.16 3.71
CA SER A 187 1.48 0.21 4.81
C SER A 187 0.72 0.61 6.05
N SER A 188 1.47 0.84 7.14
CA SER A 188 0.97 1.61 8.28
C SER A 188 0.31 2.89 7.79
N ASN A 189 -0.59 3.43 8.59
CA ASN A 189 -1.22 4.70 8.26
C ASN A 189 -0.27 5.86 8.55
N SER A 190 0.79 5.95 7.75
CA SER A 190 1.85 6.94 7.91
C SER A 190 2.59 7.09 6.61
N THR A 191 3.01 8.31 6.31
CA THR A 191 3.78 8.60 5.10
C THR A 191 5.23 9.03 5.40
N LEU A 192 5.71 8.86 6.62
CA LEU A 192 7.09 9.24 6.93
C LEU A 192 8.05 8.51 6.01
N ALA A 193 8.86 9.27 5.31
CA ALA A 193 9.87 8.73 4.41
C ALA A 193 11.01 9.71 4.30
N TYR A 194 12.24 9.21 4.40
CA TYR A 194 13.42 10.05 4.35
C TYR A 194 14.25 9.67 3.16
N PHE A 195 14.48 10.65 2.28
CA PHE A 195 15.15 10.38 1.01
C PHE A 195 16.65 10.60 1.13
N PHE A 196 17.40 9.94 0.26
CA PHE A 196 18.86 10.09 0.22
C PHE A 196 19.27 11.42 -0.41
N ASN A 197 19.11 12.50 0.35
CA ASN A 197 19.48 13.83 -0.11
C ASN A 197 19.88 14.66 1.08
N GLU A 198 20.46 15.83 0.82
CA GLU A 198 20.95 16.70 1.90
C GLU A 198 19.82 17.07 2.87
N ASN A 199 18.64 17.37 2.32
CA ASN A 199 17.51 17.84 3.11
C ASN A 199 17.12 16.86 4.22
N ASP A 200 17.14 15.56 3.90
CA ASP A 200 16.68 14.50 4.81
C ASP A 200 17.82 13.71 5.47
N TRP A 201 19.06 14.05 5.17
CA TRP A 201 20.20 13.23 5.59
C TRP A 201 20.33 13.00 7.10
N GLU A 202 20.05 14.02 7.91
CA GLU A 202 20.09 13.86 9.37
C GLU A 202 19.12 12.80 9.87
N LYS A 203 17.95 12.69 9.22
CA LYS A 203 16.95 11.68 9.54
C LYS A 203 17.37 10.31 9.03
N VAL A 204 17.87 10.26 7.80
CA VAL A 204 18.41 9.04 7.20
C VAL A 204 19.45 8.38 8.12
N LYS A 205 20.40 9.17 8.61
CA LYS A 205 21.47 8.66 9.47
C LYS A 205 20.96 7.97 10.74
N LYS A 206 19.88 8.51 11.29
CA LYS A 206 19.28 7.96 12.49
C LYS A 206 18.45 6.67 12.33
N VAL A 207 18.00 6.38 11.11
CA VAL A 207 17.08 5.24 10.91
C VAL A 207 17.61 4.19 9.94
N LEU A 208 18.61 4.54 9.15
CA LEU A 208 19.07 3.69 8.06
C LEU A 208 19.80 2.42 8.53
N ASN A 209 19.34 1.27 8.04
CA ASN A 209 20.07 0.01 8.19
C ASN A 209 21.20 -0.03 7.14
N THR A 210 22.44 0.11 7.61
CA THR A 210 23.60 0.14 6.73
C THR A 210 24.22 -1.24 6.48
N LYS A 211 23.62 -2.29 7.06
CA LYS A 211 24.09 -3.66 6.86
C LYS A 211 23.56 -4.29 5.59
N LYS A 212 24.31 -5.24 5.07
CA LYS A 212 23.88 -6.12 3.99
C LYS A 212 22.55 -6.79 4.36
N VAL A 213 21.61 -6.78 3.42
CA VAL A 213 20.35 -7.46 3.61
C VAL A 213 20.26 -8.56 2.56
N GLU A 214 19.98 -9.78 3.02
CA GLU A 214 19.78 -10.91 2.11
C GLU A 214 18.45 -10.78 1.38
N GLU A 215 18.39 -11.26 0.14
CA GLU A 215 17.16 -11.18 -0.67
C GLU A 215 15.95 -11.80 0.01
N PHE A 216 16.13 -12.93 0.69
CA PHE A 216 15.02 -13.62 1.37
C PHE A 216 14.40 -12.76 2.50
N GLU A 217 15.15 -11.77 2.98
CA GLU A 217 14.66 -10.88 4.03
C GLU A 217 13.67 -9.83 3.52
N VAL A 218 13.67 -9.56 2.21
CA VAL A 218 12.76 -8.55 1.65
C VAL A 218 11.69 -9.13 0.71
N LYS A 219 11.97 -10.28 0.10
CA LYS A 219 11.04 -10.94 -0.81
C LYS A 219 9.91 -11.68 -0.08
N GLY A 220 8.67 -11.45 -0.52
CA GLY A 220 7.55 -12.27 -0.03
C GLY A 220 7.31 -13.46 -0.95
N LYS A 221 6.23 -14.20 -0.69
CA LYS A 221 5.79 -15.28 -1.61
C LYS A 221 4.98 -14.71 -2.77
N LYS A 222 4.95 -15.44 -3.88
CA LYS A 222 4.11 -15.07 -5.01
C LYS A 222 2.66 -14.83 -4.56
N GLY A 223 2.16 -13.62 -4.81
CA GLY A 223 0.78 -13.26 -4.54
C GLY A 223 0.35 -13.16 -3.08
N ALA A 225 1.78 -11.66 0.95
CA ALA A 225 2.74 -11.08 1.88
C ALA A 225 2.03 -10.55 3.12
N GLU A 226 2.75 -10.53 4.24
CA GLU A 226 2.22 -9.94 5.46
C GLU A 226 3.28 -9.35 6.39
N THR A 227 2.82 -8.45 7.27
CA THR A 227 3.60 -7.95 8.38
C THR A 227 2.94 -8.54 9.62
N GLU A 228 3.23 -8.03 10.82
CA GLU A 228 2.55 -8.57 12.00
C GLU A 228 1.18 -7.94 12.18
N ASN A 229 0.90 -6.88 11.43
CA ASN A 229 -0.32 -6.11 11.62
C ASN A 229 -1.37 -6.24 10.51
N PHE A 230 -0.92 -6.67 9.34
CA PHE A 230 -1.78 -6.75 8.16
C PHE A 230 -1.16 -7.65 7.09
N GLY A 231 -1.97 -8.06 6.13
CA GLY A 231 -1.46 -8.83 5.01
C GLY A 231 -2.31 -8.63 3.78
N LEU A 232 -1.89 -9.27 2.70
CA LEU A 232 -2.59 -9.23 1.43
C LEU A 232 -2.41 -10.60 0.77
N GLU A 233 -3.41 -11.03 0.01
CA GLU A 233 -3.30 -12.25 -0.79
C GLU A 233 -4.07 -12.06 -2.08
N VAL A 234 -3.55 -12.65 -3.15
CA VAL A 234 -4.21 -12.64 -4.45
C VAL A 234 -5.10 -13.89 -4.54
N VAL A 235 -6.40 -13.70 -4.74
CA VAL A 235 -7.32 -14.82 -4.93
C VAL A 235 -7.62 -14.95 -6.44
N ASP A 236 -7.31 -16.12 -7.00
CA ASP A 236 -7.65 -16.43 -8.40
C ASP A 236 -9.09 -16.88 -8.46
N VAL A 237 -9.93 -16.17 -9.20
CA VAL A 237 -11.33 -16.51 -9.28
C VAL A 237 -11.72 -16.96 -10.69
N THR A 238 -12.25 -18.16 -10.80
CA THR A 238 -12.82 -18.66 -12.05
C THR A 238 -14.20 -19.22 -11.73
N GLY A 239 -15.24 -18.46 -12.02
CA GLY A 239 -16.58 -18.80 -11.54
C GLY A 239 -16.83 -18.07 -10.24
N THR A 240 -17.38 -18.78 -9.25
CA THR A 240 -17.78 -18.19 -7.98
C THR A 240 -16.87 -18.65 -6.84
N ALA A 241 -16.35 -17.71 -6.07
CA ALA A 241 -15.53 -18.06 -4.92
C ALA A 241 -16.11 -17.39 -3.68
N GLU A 242 -16.15 -18.16 -2.59
CA GLU A 242 -16.54 -17.61 -1.31
C GLU A 242 -15.32 -17.05 -0.59
N ILE A 243 -15.49 -15.87 -0.01
CA ILE A 243 -14.38 -15.22 0.68
C ILE A 243 -14.79 -14.90 2.12
N LYS A 244 -13.91 -15.21 3.07
CA LYS A 244 -14.12 -14.93 4.49
C LYS A 244 -13.31 -13.71 4.90
N THR A 245 -13.92 -12.78 5.64
CA THR A 245 -13.18 -11.64 6.16
C THR A 245 -12.26 -12.01 7.33
N GLY A 246 -12.64 -13.05 8.08
CA GLY A 246 -11.99 -13.39 9.35
C GLY A 246 -12.49 -12.54 10.50
N GLY A 247 -13.60 -11.82 10.30
CA GLY A 247 -14.15 -10.96 11.36
C GLY A 247 -13.31 -9.73 11.64
N VAL A 248 -12.50 -9.35 10.66
CA VAL A 248 -11.75 -8.08 10.67
C VAL A 248 -12.05 -7.29 9.39
N ASN A 250 -11.62 -5.81 5.86
CA ASN A 250 -10.94 -6.17 4.63
C ASN A 250 -11.09 -5.04 3.60
N ILE A 251 -10.13 -4.98 2.67
CA ILE A 251 -10.25 -4.16 1.48
C ILE A 251 -9.95 -5.09 0.30
N LEU A 252 -10.77 -5.00 -0.74
CA LEU A 252 -10.58 -5.80 -1.95
C LEU A 252 -10.10 -4.89 -3.05
N TYR A 253 -9.10 -5.33 -3.81
CA TYR A 253 -8.69 -4.59 -5.00
C TYR A 253 -8.81 -5.49 -6.21
N ALA A 254 -9.52 -5.02 -7.24
CA ALA A 254 -9.70 -5.80 -8.47
C ALA A 254 -8.50 -5.63 -9.40
N ALA A 255 -7.61 -6.60 -9.41
CA ALA A 255 -6.37 -6.51 -10.19
C ALA A 255 -6.57 -6.86 -11.67
N GLU A 256 -7.36 -7.91 -11.92
CA GLU A 256 -7.71 -8.36 -13.28
C GLU A 256 -9.14 -8.86 -13.27
N GLY A 257 -9.91 -8.43 -14.27
CA GLY A 257 -11.23 -8.99 -14.52
C GLY A 257 -12.35 -8.15 -13.93
N TYR A 258 -13.57 -8.60 -14.14
CA TYR A 258 -14.77 -7.94 -13.65
C TYR A 258 -15.42 -8.86 -12.63
N PHE A 259 -15.88 -8.32 -11.52
CA PHE A 259 -16.42 -9.12 -10.39
C PHE A 259 -17.83 -8.71 -9.99
N ILE A 260 -18.69 -9.69 -9.80
CA ILE A 260 -19.98 -9.48 -9.12
C ILE A 260 -19.81 -9.91 -7.67
N LEU A 261 -20.20 -9.05 -6.73
CA LEU A 261 -20.01 -9.28 -5.30
C LEU A 261 -21.37 -9.53 -4.68
N ARG A 262 -21.48 -10.58 -3.88
CA ARG A 262 -22.76 -10.90 -3.24
C ARG A 262 -22.53 -11.14 -1.75
N GLY A 263 -23.06 -10.24 -0.93
CA GLY A 263 -22.97 -10.31 0.51
C GLY A 263 -24.35 -10.03 1.07
N LYS A 264 -24.46 -9.02 1.94
CA LYS A 264 -25.78 -8.64 2.41
C LYS A 264 -26.57 -7.97 1.27
N GLU A 265 -25.84 -7.30 0.38
CA GLU A 265 -26.41 -6.78 -0.86
C GLU A 265 -25.50 -7.21 -2.01
N THR A 266 -25.91 -6.92 -3.24
CA THR A 266 -25.14 -7.28 -4.43
C THR A 266 -24.52 -6.02 -4.99
N ALA A 267 -23.27 -6.13 -5.44
CA ALA A 267 -22.55 -4.99 -6.01
C ALA A 267 -21.62 -5.54 -7.08
N ASP A 268 -20.83 -4.68 -7.70
CA ASP A 268 -19.79 -5.18 -8.59
C ASP A 268 -18.50 -4.39 -8.42
N LEU A 269 -17.43 -4.89 -9.02
CA LEU A 269 -16.14 -4.25 -8.89
C LEU A 269 -15.36 -4.39 -10.21
N HIS A 270 -14.96 -3.25 -10.78
CA HIS A 270 -14.18 -3.22 -12.01
C HIS A 270 -12.71 -3.22 -11.70
N ARG A 271 -11.92 -3.78 -12.63
CA ARG A 271 -10.46 -3.72 -12.61
CA ARG A 271 -10.47 -3.73 -12.54
C ARG A 271 -10.00 -2.28 -12.28
N GLY A 272 -9.10 -2.12 -11.33
CA GLY A 272 -8.58 -0.79 -11.00
C GLY A 272 -9.25 -0.12 -9.81
N TYR A 273 -10.27 -0.79 -9.26
CA TYR A 273 -11.06 -0.24 -8.18
C TYR A 273 -11.05 -1.14 -6.96
N SER A 274 -11.33 -0.52 -5.81
CA SER A 274 -11.29 -1.18 -4.52
C SER A 274 -12.63 -1.10 -3.84
N CYS A 275 -12.77 -1.97 -2.86
CA CYS A 275 -13.98 -2.11 -2.13
C CYS A 275 -13.60 -2.32 -0.65
N LEU A 276 -14.27 -1.61 0.25
CA LEU A 276 -14.07 -1.76 1.69
C LEU A 276 -15.17 -2.66 2.29
N VAL A 277 -14.76 -3.73 2.96
CA VAL A 277 -15.67 -4.68 3.54
C VAL A 277 -15.55 -4.60 5.07
N PRO A 278 -16.59 -4.09 5.75
CA PRO A 278 -16.57 -4.07 7.23
C PRO A 278 -16.52 -5.47 7.84
N ALA A 279 -15.89 -5.57 9.01
CA ALA A 279 -15.82 -6.82 9.79
C ALA A 279 -17.18 -7.46 10.08
N SER A 280 -18.24 -6.65 10.10
CA SER A 280 -19.58 -7.16 10.33
C SER A 280 -20.11 -8.05 9.19
N THR A 281 -19.38 -8.12 8.08
CA THR A 281 -19.65 -9.11 7.05
C THR A 281 -18.69 -10.27 7.30
N ASP A 282 -19.25 -11.44 7.60
CA ASP A 282 -18.49 -12.65 7.87
C ASP A 282 -17.91 -13.23 6.58
N SER A 283 -18.74 -13.29 5.55
CA SER A 283 -18.33 -13.80 4.26
C SER A 283 -19.27 -13.36 3.14
N PHE A 284 -18.82 -13.58 1.92
CA PHE A 284 -19.53 -13.14 0.73
C PHE A 284 -18.95 -13.91 -0.44
N THR A 285 -19.62 -13.85 -1.59
CA THR A 285 -19.04 -14.42 -2.80
C THR A 285 -18.60 -13.36 -3.80
N VAL A 286 -17.58 -13.72 -4.58
CA VAL A 286 -17.14 -12.94 -5.73
C VAL A 286 -17.26 -13.83 -6.96
N GLU A 287 -17.68 -13.26 -8.09
CA GLU A 287 -17.85 -14.04 -9.30
C GLU A 287 -17.20 -13.38 -10.50
N SER A 288 -16.41 -14.16 -11.22
CA SER A 288 -15.67 -13.66 -12.36
C SER A 288 -15.42 -14.79 -13.35
N GLU A 289 -15.48 -14.48 -14.65
CA GLU A 289 -15.11 -15.44 -15.70
C GLU A 289 -13.70 -16.02 -15.44
N ARG A 290 -12.74 -15.12 -15.23
CA ARG A 290 -11.39 -15.45 -14.77
C ARG A 290 -10.79 -14.13 -14.33
N GLY A 291 -10.58 -13.99 -13.04
CA GLY A 291 -10.06 -12.75 -12.50
C GLY A 291 -9.14 -12.96 -11.33
N LYS A 292 -8.51 -11.88 -10.91
CA LYS A 292 -7.62 -11.86 -9.74
C LYS A 292 -8.03 -10.71 -8.87
N ILE A 293 -8.37 -11.04 -7.63
CA ILE A 293 -8.82 -10.03 -6.69
C ILE A 293 -7.86 -10.10 -5.49
N VAL A 294 -7.41 -8.93 -5.02
CA VAL A 294 -6.50 -8.88 -3.90
C VAL A 294 -7.31 -8.65 -2.63
N ARG A 295 -7.13 -9.51 -1.64
CA ARG A 295 -7.75 -9.31 -0.33
C ARG A 295 -6.71 -8.75 0.64
N ILE A 296 -7.00 -7.58 1.19
CA ILE A 296 -6.14 -6.93 2.17
C ILE A 296 -6.85 -7.08 3.52
N TYR A 297 -6.13 -7.53 4.53
CA TYR A 297 -6.77 -7.84 5.81
C TYR A 297 -5.90 -7.40 6.97
N LEU A 298 -6.55 -7.15 8.10
CA LEU A 298 -5.85 -6.85 9.34
C LEU A 298 -5.51 -8.16 10.05
N LYS A 299 -4.43 -8.14 10.81
CA LYS A 299 -4.04 -9.30 11.58
C LYS A 299 -4.14 -8.99 13.07
N VAL A 300 -4.72 -9.92 13.81
CA VAL A 300 -4.97 -9.78 15.22
C VAL A 300 -4.49 -11.04 15.95
#